data_9PMM
#
_entry.id   9PMM
#
_cell.length_a   158.328
_cell.length_b   158.328
_cell.length_c   40.500
_cell.angle_alpha   90.000
_cell.angle_beta   90.000
_cell.angle_gamma   120.000
#
_symmetry.space_group_name_H-M   'P 61'
#
loop_
_entity.id
_entity.type
_entity.pdbx_description
1 polymer 'PUM-HD domain-containing protein'
2 polymer 'RNA I-1'
3 non-polymer GLYCEROL
4 water water
#
loop_
_entity_poly.entity_id
_entity_poly.type
_entity_poly.pdbx_seq_one_letter_code
_entity_poly.pdbx_strand_id
1 'polypeptide(L)'
;SGDGEGNVSDSVTLQDVLANDALVEFATDKNGCRFLQEHYPTENDNDVHQKLFRKLVEDRAIFLSLCSNMFGNFFVQRVL
ECSNTEEQEILTEHLATDLYNLCLDKSACRVIQLAIQKLDVHLATRLSLELRDTHLVRLSIDQNGNHVIQKIVKTLPVSS
WTFLVDFFADDDNLIHVCQDKYGCRVIQSTVETLSTDQYAQCYQHRVILLRSLMAGVTRNCTQLASNEFANYVVQHVIKC
GDALAVYRDIIIEQCLLQNLLSMSQEKYASHVVEVAFECAPYRLVAEMMNEIFEGYIPHPDTNRDALDILLFHQYGNYVV
QQMIQTCVLGQNARDQKQSEMYGMWLEKIHGRVMRNAHRLERFSSGKKIIEALQSMSLY
;
A
2 'polyribonucleotide' CUGUGAAUA B
#
loop_
_chem_comp.id
_chem_comp.type
_chem_comp.name
_chem_comp.formula
A RNA linking ADENOSINE-5'-MONOPHOSPHATE 'C10 H14 N5 O7 P'
C RNA linking CYTIDINE-5'-MONOPHOSPHATE 'C9 H14 N3 O8 P'
G RNA linking GUANOSINE-5'-MONOPHOSPHATE 'C10 H14 N5 O8 P'
GOL non-polymer GLYCEROL 'C3 H8 O3'
U RNA linking URIDINE-5'-MONOPHOSPHATE 'C9 H13 N2 O9 P'
#
# COMPACT_ATOMS: atom_id res chain seq x y z
N ASP A 10 -41.90 8.04 12.37
CA ASP A 10 -43.02 8.98 12.42
C ASP A 10 -43.20 9.73 11.09
N SER A 11 -44.44 9.83 10.64
CA SER A 11 -44.75 10.46 9.36
C SER A 11 -44.98 11.95 9.45
N VAL A 12 -45.37 12.48 10.62
CA VAL A 12 -45.47 13.92 10.81
C VAL A 12 -44.11 14.58 10.65
N THR A 13 -43.07 13.91 11.16
CA THR A 13 -41.70 14.41 11.01
C THR A 13 -41.25 14.39 9.56
N LEU A 14 -41.58 13.31 8.82
CA LEU A 14 -41.19 13.22 7.42
C LEU A 14 -41.89 14.28 6.57
N GLN A 15 -43.18 14.53 6.82
CA GLN A 15 -43.89 15.54 6.04
C GLN A 15 -43.42 16.95 6.39
N ASP A 16 -43.02 17.19 7.65
CA ASP A 16 -42.49 18.49 8.04
C ASP A 16 -41.14 18.75 7.38
N VAL A 17 -40.31 17.69 7.24
CA VAL A 17 -39.07 17.81 6.49
C VAL A 17 -39.36 18.12 5.03
N LEU A 18 -40.39 17.47 4.47
CA LEU A 18 -40.69 17.61 3.05
C LEU A 18 -41.44 18.91 2.73
N ALA A 19 -42.50 19.21 3.49
CA ALA A 19 -43.33 20.36 3.13
C ALA A 19 -42.70 21.68 3.57
N ASN A 20 -42.00 21.69 4.70
CA ASN A 20 -41.47 22.91 5.28
C ASN A 20 -39.98 23.09 5.07
N ASP A 21 -39.36 22.29 4.19
CA ASP A 21 -37.98 22.46 3.71
C ASP A 21 -36.96 22.37 4.84
N ALA A 22 -37.13 21.39 5.73
CA ALA A 22 -36.33 21.30 6.95
C ALA A 22 -35.27 20.19 6.87
N LEU A 23 -34.78 19.88 5.66
CA LEU A 23 -33.87 18.74 5.53
C LEU A 23 -32.48 19.05 6.06
N VAL A 24 -32.00 20.29 5.82
CA VAL A 24 -30.69 20.73 6.29
C VAL A 24 -30.65 20.73 7.81
N GLU A 25 -31.75 21.11 8.46
CA GLU A 25 -31.79 21.17 9.91
C GLU A 25 -31.66 19.78 10.52
N PHE A 26 -32.30 18.78 9.92
CA PHE A 26 -32.21 17.43 10.45
C PHE A 26 -30.87 16.78 10.11
N ALA A 27 -30.40 16.97 8.88
CA ALA A 27 -29.21 16.25 8.42
C ALA A 27 -27.94 16.77 9.10
N THR A 28 -27.91 18.02 9.53
CA THR A 28 -26.76 18.57 10.23
C THR A 28 -26.86 18.42 11.74
N ASP A 29 -27.83 17.66 12.22
CA ASP A 29 -27.98 17.34 13.63
C ASP A 29 -27.80 15.83 13.76
N LYS A 30 -27.15 15.40 14.84
CA LYS A 30 -26.79 13.99 14.97
C LYS A 30 -28.00 13.09 15.08
N ASN A 31 -28.93 13.42 15.99
CA ASN A 31 -30.13 12.60 16.13
C ASN A 31 -31.12 12.83 15.00
N GLY A 32 -31.17 14.05 14.44
CA GLY A 32 -32.00 14.29 13.28
C GLY A 32 -31.54 13.50 12.06
N CYS A 33 -30.22 13.37 11.90
CA CYS A 33 -29.71 12.62 10.76
C CYS A 33 -29.86 11.12 10.96
N ARG A 34 -29.71 10.64 12.20
CA ARG A 34 -30.01 9.23 12.50
C ARG A 34 -31.46 8.89 12.22
N PHE A 35 -32.37 9.85 12.42
CA PHE A 35 -33.77 9.65 12.03
C PHE A 35 -33.90 9.52 10.52
N LEU A 36 -33.22 10.38 9.77
CA LEU A 36 -33.34 10.38 8.31
C LEU A 36 -32.80 9.09 7.70
N GLN A 37 -31.75 8.51 8.28
CA GLN A 37 -31.19 7.27 7.75
C GLN A 37 -32.12 6.09 8.01
N GLU A 38 -32.79 6.08 9.15
CA GLU A 38 -33.63 4.95 9.53
C GLU A 38 -35.00 5.00 8.84
N HIS A 39 -35.48 6.18 8.49
CA HIS A 39 -36.82 6.34 7.94
C HIS A 39 -36.80 6.73 6.47
N TYR A 40 -35.64 6.56 5.82
CA TYR A 40 -35.55 6.69 4.37
C TYR A 40 -35.90 5.35 3.75
N PRO A 41 -37.01 5.25 3.00
CA PRO A 41 -37.37 3.95 2.41
C PRO A 41 -36.40 3.56 1.30
N THR A 42 -35.97 2.30 1.34
CA THR A 42 -35.02 1.81 0.34
C THR A 42 -35.65 1.69 -1.04
N GLU A 43 -36.97 1.58 -1.13
CA GLU A 43 -37.64 1.36 -2.41
C GLU A 43 -37.69 2.67 -3.20
N ASN A 44 -37.19 2.61 -4.44
CA ASN A 44 -37.11 3.81 -5.25
C ASN A 44 -38.46 4.29 -5.77
N ASP A 45 -39.47 3.43 -5.76
CA ASP A 45 -40.82 3.82 -6.15
C ASP A 45 -41.65 4.35 -4.97
N ASN A 46 -41.09 4.33 -3.76
CA ASN A 46 -41.77 4.90 -2.61
C ASN A 46 -41.83 6.42 -2.74
N ASP A 47 -42.94 7.01 -2.29
CA ASP A 47 -43.15 8.44 -2.48
C ASP A 47 -42.34 9.28 -1.51
N VAL A 48 -42.18 8.81 -0.27
CA VAL A 48 -41.36 9.52 0.71
C VAL A 48 -39.89 9.48 0.31
N HIS A 49 -39.44 8.33 -0.19
CA HIS A 49 -38.10 8.18 -0.75
C HIS A 49 -37.83 9.19 -1.86
N GLN A 50 -38.80 9.33 -2.78
CA GLN A 50 -38.60 10.18 -3.96
C GLN A 50 -38.55 11.65 -3.60
N LYS A 51 -39.40 12.09 -2.67
CA LYS A 51 -39.44 13.50 -2.34
C LYS A 51 -38.24 13.91 -1.50
N LEU A 52 -37.78 13.02 -0.61
CA LEU A 52 -36.59 13.29 0.20
C LEU A 52 -35.34 13.31 -0.66
N PHE A 53 -35.25 12.39 -1.63
CA PHE A 53 -34.14 12.42 -2.60
C PHE A 53 -34.14 13.72 -3.38
N ARG A 54 -35.33 14.16 -3.82
CA ARG A 54 -35.42 15.38 -4.61
C ARG A 54 -35.04 16.60 -3.79
N LYS A 55 -35.41 16.61 -2.50
CA LYS A 55 -35.02 17.69 -1.61
C LYS A 55 -33.51 17.73 -1.39
N LEU A 56 -32.86 16.55 -1.39
CA LEU A 56 -31.42 16.48 -1.18
C LEU A 56 -30.64 17.03 -2.36
N VAL A 57 -31.12 16.79 -3.59
CA VAL A 57 -30.34 17.03 -4.80
C VAL A 57 -30.84 18.24 -5.59
N GLU A 58 -31.91 18.92 -5.15
CA GLU A 58 -32.44 20.03 -5.93
C GLU A 58 -31.48 21.22 -5.96
N ASP A 59 -30.74 21.44 -4.87
CA ASP A 59 -29.79 22.53 -4.77
C ASP A 59 -28.40 21.91 -4.71
N ARG A 60 -27.55 22.25 -5.69
N ARG A 60 -27.55 22.25 -5.69
CA ARG A 60 -26.22 21.66 -5.77
CA ARG A 60 -26.21 21.67 -5.77
C ARG A 60 -25.34 22.12 -4.61
C ARG A 60 -25.33 22.12 -4.61
N ALA A 61 -25.40 23.40 -4.25
CA ALA A 61 -24.57 23.92 -3.17
C ALA A 61 -25.00 23.38 -1.81
N ILE A 62 -26.30 23.12 -1.64
CA ILE A 62 -26.77 22.52 -0.40
C ILE A 62 -26.36 21.06 -0.30
N PHE A 63 -26.48 20.33 -1.43
CA PHE A 63 -26.05 18.93 -1.49
C PHE A 63 -24.58 18.77 -1.12
N LEU A 64 -23.73 19.64 -1.67
CA LEU A 64 -22.30 19.54 -1.40
C LEU A 64 -21.95 19.93 0.02
N SER A 65 -22.70 20.86 0.62
CA SER A 65 -22.45 21.21 2.02
C SER A 65 -22.84 20.08 2.96
N LEU A 66 -23.87 19.29 2.60
CA LEU A 66 -24.25 18.16 3.42
C LEU A 66 -23.26 17.00 3.30
N CYS A 67 -22.67 16.82 2.10
CA CYS A 67 -21.56 15.87 1.94
C CYS A 67 -20.39 16.20 2.86
N SER A 68 -20.10 17.49 3.03
CA SER A 68 -19.00 17.93 3.89
C SER A 68 -19.39 18.08 5.35
N ASN A 69 -20.63 17.80 5.72
CA ASN A 69 -21.05 17.97 7.09
C ASN A 69 -20.76 16.70 7.88
N MET A 70 -20.34 16.90 9.13
CA MET A 70 -19.94 15.81 10.02
C MET A 70 -21.05 14.80 10.25
N PHE A 71 -22.30 15.24 10.26
CA PHE A 71 -23.41 14.30 10.32
C PHE A 71 -24.14 14.14 9.00
N GLY A 72 -24.18 15.20 8.17
CA GLY A 72 -24.91 15.12 6.92
C GLY A 72 -24.38 14.09 5.95
N ASN A 73 -23.08 13.76 6.04
CA ASN A 73 -22.48 12.83 5.09
C ASN A 73 -23.02 11.41 5.27
N PHE A 74 -23.46 11.05 6.48
CA PHE A 74 -24.05 9.74 6.69
C PHE A 74 -25.40 9.60 6.00
N PHE A 75 -26.17 10.68 5.91
CA PHE A 75 -27.43 10.62 5.17
C PHE A 75 -27.18 10.47 3.68
N VAL A 76 -26.23 11.24 3.12
CA VAL A 76 -25.85 11.09 1.71
C VAL A 76 -25.35 9.68 1.42
N GLN A 77 -24.67 9.06 2.37
CA GLN A 77 -24.24 7.67 2.22
C GLN A 77 -25.42 6.71 2.18
N ARG A 78 -26.44 6.94 3.02
CA ARG A 78 -27.63 6.09 3.01
C ARG A 78 -28.39 6.22 1.69
N VAL A 79 -28.44 7.43 1.13
CA VAL A 79 -29.08 7.64 -0.17
C VAL A 79 -28.30 6.91 -1.26
N LEU A 80 -26.97 6.89 -1.17
CA LEU A 80 -26.15 6.15 -2.13
C LEU A 80 -26.41 4.65 -2.07
N GLU A 81 -26.56 4.11 -0.84
CA GLU A 81 -26.79 2.68 -0.65
C GLU A 81 -28.10 2.22 -1.28
N CYS A 82 -29.12 3.07 -1.31
CA CYS A 82 -30.43 2.71 -1.86
C CYS A 82 -30.64 3.22 -3.27
N SER A 83 -29.62 3.81 -3.89
CA SER A 83 -29.80 4.50 -5.16
C SER A 83 -29.96 3.52 -6.31
N ASN A 84 -30.66 3.97 -7.35
CA ASN A 84 -30.71 3.27 -8.63
C ASN A 84 -30.00 4.13 -9.67
N THR A 85 -30.11 3.73 -10.93
CA THR A 85 -29.32 4.35 -11.99
C THR A 85 -29.67 5.82 -12.19
N GLU A 86 -30.97 6.14 -12.20
CA GLU A 86 -31.41 7.53 -12.41
C GLU A 86 -30.98 8.43 -11.26
N GLU A 87 -31.06 7.92 -10.02
CA GLU A 87 -30.57 8.67 -8.87
C GLU A 87 -29.05 8.82 -8.91
N GLN A 88 -28.34 7.75 -9.33
CA GLN A 88 -26.89 7.77 -9.35
C GLN A 88 -26.33 8.76 -10.37
N GLU A 89 -27.01 8.92 -11.52
CA GLU A 89 -26.58 9.92 -12.50
C GLU A 89 -26.70 11.34 -11.95
N ILE A 90 -27.68 11.60 -11.09
CA ILE A 90 -27.83 12.94 -10.54
C ILE A 90 -26.76 13.19 -9.47
N LEU A 91 -26.51 12.19 -8.61
CA LEU A 91 -25.48 12.31 -7.58
C LEU A 91 -24.09 12.47 -8.19
N THR A 92 -23.80 11.71 -9.25
CA THR A 92 -22.49 11.77 -9.90
C THR A 92 -22.24 13.15 -10.51
N GLU A 93 -23.25 13.72 -11.16
CA GLU A 93 -23.11 15.03 -11.78
C GLU A 93 -22.83 16.12 -10.74
N HIS A 94 -23.46 16.02 -9.56
CA HIS A 94 -23.18 16.98 -8.49
C HIS A 94 -21.76 16.80 -7.95
N LEU A 95 -21.38 15.55 -7.62
CA LEU A 95 -20.06 15.30 -7.03
C LEU A 95 -18.92 15.66 -7.98
N ALA A 96 -19.16 15.52 -9.29
CA ALA A 96 -18.12 15.81 -10.28
C ALA A 96 -17.76 17.29 -10.36
N THR A 97 -18.65 18.19 -9.94
CA THR A 97 -18.37 19.63 -10.03
C THR A 97 -17.34 20.10 -9.02
N ASP A 98 -17.03 19.31 -8.00
CA ASP A 98 -16.14 19.75 -6.92
C ASP A 98 -15.38 18.58 -6.34
N LEU A 99 -15.01 17.62 -7.19
CA LEU A 99 -14.58 16.30 -6.71
C LEU A 99 -13.28 16.35 -5.92
N TYR A 100 -12.29 17.10 -6.42
CA TYR A 100 -10.97 17.15 -5.80
C TYR A 100 -11.05 17.69 -4.38
N ASN A 101 -11.80 18.77 -4.19
CA ASN A 101 -11.96 19.33 -2.86
C ASN A 101 -12.70 18.40 -1.92
N LEU A 102 -13.68 17.64 -2.45
CA LEU A 102 -14.42 16.71 -1.59
C LEU A 102 -13.54 15.55 -1.12
N CYS A 103 -12.59 15.10 -1.96
CA CYS A 103 -11.63 14.08 -1.55
C CYS A 103 -10.70 14.55 -0.44
N LEU A 104 -10.47 15.85 -0.31
CA LEU A 104 -9.63 16.36 0.77
C LEU A 104 -10.38 16.50 2.10
N ASP A 105 -11.71 16.50 2.05
CA ASP A 105 -12.52 16.81 3.24
C ASP A 105 -12.71 15.56 4.09
N LYS A 106 -12.67 15.74 5.41
CA LYS A 106 -12.75 14.61 6.33
C LYS A 106 -14.11 13.91 6.24
N SER A 107 -15.18 14.67 6.01
CA SER A 107 -16.50 14.05 5.91
C SER A 107 -16.80 13.59 4.49
N ALA A 108 -16.54 14.45 3.51
CA ALA A 108 -16.96 14.18 2.14
C ALA A 108 -16.15 13.09 1.44
N CYS A 109 -14.89 12.88 1.86
CA CYS A 109 -14.09 11.79 1.29
C CYS A 109 -14.70 10.43 1.59
N ARG A 110 -15.48 10.32 2.68
CA ARG A 110 -16.20 9.09 2.98
C ARG A 110 -17.40 8.90 2.05
N VAL A 111 -18.03 10.01 1.62
CA VAL A 111 -19.07 9.93 0.61
C VAL A 111 -18.49 9.46 -0.72
N ILE A 112 -17.31 10.00 -1.08
CA ILE A 112 -16.65 9.63 -2.33
C ILE A 112 -16.25 8.16 -2.31
N GLN A 113 -15.72 7.69 -1.17
CA GLN A 113 -15.31 6.29 -1.07
C GLN A 113 -16.49 5.33 -1.19
N LEU A 114 -17.63 5.67 -0.58
CA LEU A 114 -18.80 4.81 -0.75
C LEU A 114 -19.36 4.91 -2.16
N ALA A 115 -19.26 6.08 -2.80
CA ALA A 115 -19.75 6.24 -4.17
C ALA A 115 -18.92 5.41 -5.15
N ILE A 116 -17.60 5.34 -4.95
CA ILE A 116 -16.75 4.44 -5.76
C ILE A 116 -17.23 2.99 -5.62
N GLN A 117 -17.67 2.60 -4.43
CA GLN A 117 -18.17 1.26 -4.21
C GLN A 117 -19.57 1.05 -4.76
N LYS A 118 -20.48 2.03 -4.60
CA LYS A 118 -21.91 1.83 -4.83
C LYS A 118 -22.41 2.30 -6.19
N LEU A 119 -21.77 3.30 -6.81
CA LEU A 119 -22.21 3.73 -8.13
C LEU A 119 -21.96 2.63 -9.16
N ASP A 120 -22.73 2.71 -10.25
CA ASP A 120 -22.41 1.94 -11.45
C ASP A 120 -20.99 2.25 -11.90
N VAL A 121 -20.29 1.21 -12.39
CA VAL A 121 -18.87 1.29 -12.72
C VAL A 121 -18.57 2.39 -13.73
N HIS A 122 -19.50 2.66 -14.66
CA HIS A 122 -19.31 3.74 -15.63
C HIS A 122 -19.41 5.11 -14.96
N LEU A 123 -20.31 5.25 -13.98
CA LEU A 123 -20.45 6.53 -13.29
C LEU A 123 -19.29 6.77 -12.33
N ALA A 124 -18.88 5.73 -11.60
CA ALA A 124 -17.70 5.82 -10.73
C ALA A 124 -16.43 6.10 -11.53
N THR A 125 -16.32 5.55 -12.74
CA THR A 125 -15.17 5.83 -13.60
C THR A 125 -15.19 7.28 -14.06
N ARG A 126 -16.38 7.79 -14.39
CA ARG A 126 -16.53 9.19 -14.78
C ARG A 126 -16.11 10.12 -13.66
N LEU A 127 -16.38 9.74 -12.40
CA LEU A 127 -15.87 10.50 -11.26
C LEU A 127 -14.35 10.47 -11.21
N SER A 128 -13.76 9.28 -11.25
CA SER A 128 -12.31 9.18 -11.05
C SER A 128 -11.53 9.82 -12.18
N LEU A 129 -12.11 9.89 -13.38
CA LEU A 129 -11.47 10.60 -14.49
C LEU A 129 -11.45 12.12 -14.28
N GLU A 130 -12.26 12.65 -13.36
CA GLU A 130 -12.13 14.07 -13.02
C GLU A 130 -10.84 14.38 -12.27
N LEU A 131 -10.15 13.37 -11.75
CA LEU A 131 -8.88 13.58 -11.06
C LEU A 131 -7.68 13.62 -12.01
N ARG A 132 -7.92 13.49 -13.32
CA ARG A 132 -6.85 13.09 -14.25
C ARG A 132 -5.78 14.17 -14.42
N ASP A 133 -6.19 15.44 -14.48
CA ASP A 133 -5.24 16.53 -14.67
C ASP A 133 -5.11 17.40 -13.42
N THR A 134 -5.20 16.80 -12.24
CA THR A 134 -5.17 17.52 -10.98
C THR A 134 -3.83 17.27 -10.28
N HIS A 135 -3.67 17.90 -9.12
CA HIS A 135 -2.43 17.76 -8.34
C HIS A 135 -2.50 16.44 -7.59
N LEU A 136 -2.08 15.37 -8.26
CA LEU A 136 -2.23 14.04 -7.72
C LEU A 136 -1.19 13.70 -6.66
N VAL A 137 -0.06 14.44 -6.58
CA VAL A 137 0.85 14.24 -5.45
C VAL A 137 0.20 14.70 -4.15
N ARG A 138 -0.36 15.91 -4.15
CA ARG A 138 -1.06 16.46 -2.98
C ARG A 138 -2.21 15.56 -2.54
N LEU A 139 -2.97 15.02 -3.50
CA LEU A 139 -4.08 14.15 -3.15
C LEU A 139 -3.61 12.81 -2.59
N SER A 140 -2.56 12.23 -3.18
CA SER A 140 -2.09 10.90 -2.76
C SER A 140 -1.45 10.94 -1.38
N ILE A 141 -0.90 12.08 -0.96
CA ILE A 141 -0.27 12.18 0.35
C ILE A 141 -1.16 12.87 1.37
N ASP A 142 -2.39 13.23 1.00
CA ASP A 142 -3.33 13.81 1.94
C ASP A 142 -3.87 12.73 2.89
N GLN A 143 -4.13 13.15 4.14
CA GLN A 143 -4.63 12.24 5.17
C GLN A 143 -5.99 11.64 4.82
N ASN A 144 -6.82 12.39 4.08
CA ASN A 144 -8.11 11.88 3.63
C ASN A 144 -8.08 11.38 2.20
N GLY A 145 -7.41 12.12 1.31
CA GLY A 145 -7.40 11.81 -0.11
C GLY A 145 -6.70 10.51 -0.46
N ASN A 146 -5.73 10.08 0.37
CA ASN A 146 -5.04 8.81 0.09
C ASN A 146 -5.98 7.63 0.17
N HIS A 147 -7.04 7.72 1.00
CA HIS A 147 -8.02 6.64 1.08
C HIS A 147 -8.94 6.60 -0.12
N VAL A 148 -9.21 7.77 -0.73
CA VAL A 148 -9.99 7.80 -1.97
C VAL A 148 -9.21 7.13 -3.10
N ILE A 149 -7.91 7.42 -3.23
CA ILE A 149 -7.09 6.82 -4.30
C ILE A 149 -7.02 5.31 -4.13
N GLN A 150 -6.78 4.85 -2.90
CA GLN A 150 -6.72 3.42 -2.63
C GLN A 150 -8.07 2.75 -2.90
N LYS A 151 -9.17 3.45 -2.62
CA LYS A 151 -10.47 2.89 -2.93
C LYS A 151 -10.67 2.74 -4.42
N ILE A 152 -10.28 3.75 -5.21
CA ILE A 152 -10.36 3.68 -6.68
C ILE A 152 -9.57 2.49 -7.21
N VAL A 153 -8.34 2.32 -6.70
CA VAL A 153 -7.45 1.27 -7.18
C VAL A 153 -7.94 -0.12 -6.77
N LYS A 154 -8.54 -0.24 -5.59
CA LYS A 154 -9.01 -1.53 -5.11
C LYS A 154 -10.42 -1.90 -5.58
N THR A 155 -11.15 -0.98 -6.21
CA THR A 155 -12.55 -1.24 -6.60
C THR A 155 -12.75 -1.25 -8.10
N LEU A 156 -12.20 -0.30 -8.80
CA LEU A 156 -12.54 -0.12 -10.20
C LEU A 156 -11.59 -0.93 -11.08
N PRO A 157 -11.98 -1.28 -12.31
CA PRO A 157 -11.03 -1.93 -13.21
C PRO A 157 -9.89 -1.00 -13.55
N VAL A 158 -8.74 -1.59 -13.94
CA VAL A 158 -7.51 -0.82 -14.11
C VAL A 158 -7.64 0.18 -15.25
N SER A 159 -8.55 -0.04 -16.21
CA SER A 159 -8.77 0.91 -17.28
C SER A 159 -9.44 2.19 -16.79
N SER A 160 -10.08 2.16 -15.61
CA SER A 160 -10.65 3.36 -15.02
C SER A 160 -9.61 4.29 -14.41
N TRP A 161 -8.38 3.84 -14.17
CA TRP A 161 -7.40 4.69 -13.49
C TRP A 161 -6.01 4.54 -14.10
N THR A 162 -5.96 4.35 -15.42
CA THR A 162 -4.69 4.27 -16.15
C THR A 162 -3.84 5.53 -15.96
N PHE A 163 -4.50 6.70 -15.88
CA PHE A 163 -3.83 7.98 -15.68
C PHE A 163 -3.02 8.03 -14.38
N LEU A 164 -3.43 7.28 -13.36
CA LEU A 164 -2.68 7.19 -12.12
C LEU A 164 -1.32 6.54 -12.33
N VAL A 165 -1.29 5.47 -13.11
CA VAL A 165 -0.01 4.80 -13.41
C VAL A 165 0.85 5.69 -14.29
N ASP A 166 0.23 6.37 -15.27
CA ASP A 166 0.95 7.36 -16.08
C ASP A 166 1.52 8.49 -15.22
N PHE A 167 0.78 8.88 -14.18
CA PHE A 167 1.26 9.92 -13.27
C PHE A 167 2.45 9.42 -12.46
N PHE A 168 2.37 8.20 -11.92
CA PHE A 168 3.49 7.62 -11.18
C PHE A 168 4.63 7.13 -12.08
N ALA A 169 4.47 7.19 -13.40
CA ALA A 169 5.56 6.86 -14.32
C ALA A 169 6.65 7.91 -14.30
N ASP A 170 6.37 9.13 -13.85
CA ASP A 170 7.41 10.12 -13.65
C ASP A 170 8.11 9.85 -12.32
N ASP A 171 9.45 9.82 -12.37
CA ASP A 171 10.23 9.42 -11.20
C ASP A 171 10.12 10.43 -10.06
N ASP A 172 9.94 11.71 -10.38
CA ASP A 172 9.75 12.71 -9.33
C ASP A 172 8.43 12.50 -8.60
N ASN A 173 7.35 12.20 -9.34
CA ASN A 173 6.06 11.93 -8.70
C ASN A 173 6.11 10.67 -7.85
N LEU A 174 6.74 9.62 -8.36
CA LEU A 174 6.79 8.35 -7.67
C LEU A 174 7.58 8.46 -6.36
N ILE A 175 8.74 9.12 -6.40
CA ILE A 175 9.57 9.26 -5.20
C ILE A 175 8.85 10.11 -4.14
N HIS A 176 8.19 11.19 -4.57
CA HIS A 176 7.47 12.06 -3.63
C HIS A 176 6.32 11.32 -2.96
N VAL A 177 5.52 10.58 -3.73
CA VAL A 177 4.39 9.85 -3.15
C VAL A 177 4.88 8.66 -2.34
N CYS A 178 5.85 7.91 -2.86
CA CYS A 178 6.23 6.66 -2.20
C CYS A 178 6.97 6.89 -0.89
N GLN A 179 7.65 8.02 -0.73
CA GLN A 179 8.35 8.32 0.52
C GLN A 179 7.48 9.07 1.52
N ASP A 180 6.16 8.92 1.45
CA ASP A 180 5.24 9.59 2.35
C ASP A 180 4.49 8.56 3.20
N LYS A 181 4.13 8.95 4.43
CA LYS A 181 3.40 8.08 5.35
C LYS A 181 2.10 7.56 4.75
N TYR A 182 1.37 8.42 4.03
CA TYR A 182 0.12 8.03 3.40
C TYR A 182 0.34 7.56 1.96
N GLY A 183 1.24 8.22 1.24
CA GLY A 183 1.42 7.90 -0.16
C GLY A 183 2.09 6.56 -0.42
N CYS A 184 2.86 6.03 0.54
CA CYS A 184 3.41 4.69 0.38
C CYS A 184 2.32 3.63 0.43
N ARG A 185 1.22 3.92 1.15
CA ARG A 185 0.05 3.04 1.11
C ARG A 185 -0.62 3.08 -0.25
N VAL A 186 -0.65 4.26 -0.87
CA VAL A 186 -1.23 4.41 -2.21
C VAL A 186 -0.42 3.61 -3.23
N ILE A 187 0.91 3.72 -3.17
CA ILE A 187 1.78 3.00 -4.10
C ILE A 187 1.67 1.49 -3.90
N GLN A 188 1.70 1.04 -2.64
CA GLN A 188 1.65 -0.40 -2.37
C GLN A 188 0.33 -1.01 -2.81
N SER A 189 -0.78 -0.29 -2.59
N SER A 189 -0.78 -0.29 -2.59
CA SER A 189 -2.10 -0.76 -3.02
CA SER A 189 -2.10 -0.76 -3.03
C SER A 189 -2.20 -0.84 -4.53
C SER A 189 -2.17 -0.88 -4.54
N THR A 190 -1.53 0.06 -5.26
CA THR A 190 -1.52 0.02 -6.71
C THR A 190 -0.68 -1.15 -7.23
N VAL A 191 0.46 -1.41 -6.60
CA VAL A 191 1.30 -2.56 -6.93
C VAL A 191 0.54 -3.86 -6.67
N GLU A 192 -0.15 -3.95 -5.52
CA GLU A 192 -0.94 -5.13 -5.16
C GLU A 192 -2.02 -5.42 -6.20
N THR A 193 -2.72 -4.38 -6.66
CA THR A 193 -3.80 -4.57 -7.61
C THR A 193 -3.27 -4.92 -8.99
N LEU A 194 -2.21 -4.25 -9.43
CA LEU A 194 -1.68 -4.47 -10.77
C LEU A 194 -1.00 -5.83 -10.90
N SER A 195 -0.40 -6.33 -9.83
CA SER A 195 0.27 -7.62 -9.85
C SER A 195 -0.66 -8.78 -9.49
N THR A 196 -1.94 -8.50 -9.21
CA THR A 196 -2.94 -9.53 -8.97
C THR A 196 -3.57 -9.91 -10.31
N ASP A 197 -3.88 -11.20 -10.46
CA ASP A 197 -4.54 -11.72 -11.65
C ASP A 197 -5.99 -11.23 -11.79
N GLN A 198 -6.20 -10.12 -12.50
CA GLN A 198 -7.55 -9.62 -12.75
C GLN A 198 -8.09 -10.25 -14.02
N TYR A 199 -8.53 -11.51 -13.88
CA TYR A 199 -8.75 -12.38 -15.05
C TYR A 199 -9.94 -11.94 -15.91
N ALA A 200 -10.89 -11.19 -15.35
CA ALA A 200 -12.00 -10.66 -16.14
C ALA A 200 -11.66 -9.35 -16.83
N GLN A 201 -10.45 -8.83 -16.66
CA GLN A 201 -10.01 -7.65 -17.38
C GLN A 201 -8.95 -8.04 -18.40
N CYS A 202 -8.65 -7.09 -19.28
CA CYS A 202 -7.65 -7.28 -20.33
C CYS A 202 -6.27 -7.54 -19.71
N TYR A 203 -5.70 -8.69 -20.05
CA TYR A 203 -4.42 -9.11 -19.48
C TYR A 203 -3.30 -8.15 -19.86
N GLN A 204 -3.15 -7.88 -21.16
CA GLN A 204 -2.00 -7.09 -21.64
C GLN A 204 -2.09 -5.64 -21.17
N HIS A 205 -3.30 -5.08 -21.06
CA HIS A 205 -3.46 -3.74 -20.50
C HIS A 205 -2.92 -3.67 -19.07
N ARG A 206 -3.23 -4.67 -18.24
CA ARG A 206 -2.75 -4.68 -16.86
C ARG A 206 -1.23 -4.85 -16.79
N VAL A 207 -0.66 -5.74 -17.63
CA VAL A 207 0.76 -6.05 -17.51
C VAL A 207 1.63 -4.88 -17.96
N ILE A 208 1.18 -4.12 -18.97
CA ILE A 208 1.90 -2.92 -19.40
C ILE A 208 1.97 -1.89 -18.28
N LEU A 209 0.84 -1.66 -17.59
CA LEU A 209 0.84 -0.74 -16.45
C LEU A 209 1.66 -1.28 -15.30
N LEU A 210 1.58 -2.59 -15.05
CA LEU A 210 2.35 -3.24 -14.00
C LEU A 210 3.84 -3.06 -14.22
N ARG A 211 4.31 -3.31 -15.45
CA ARG A 211 5.72 -3.20 -15.77
C ARG A 211 6.21 -1.75 -15.74
N SER A 212 5.34 -0.80 -16.10
CA SER A 212 5.69 0.62 -15.99
C SER A 212 5.92 1.04 -14.54
N LEU A 213 5.07 0.56 -13.63
CA LEU A 213 5.24 0.91 -12.22
C LEU A 213 6.39 0.14 -11.59
N MET A 214 6.56 -1.14 -11.95
CA MET A 214 7.66 -1.94 -11.41
C MET A 214 9.01 -1.40 -11.84
N ALA A 215 9.11 -0.93 -13.08
CA ALA A 215 10.34 -0.32 -13.56
C ALA A 215 10.62 0.99 -12.85
N GLY A 216 9.57 1.72 -12.47
CA GLY A 216 9.77 2.97 -11.73
C GLY A 216 10.37 2.71 -10.36
N VAL A 217 9.84 1.71 -9.65
CA VAL A 217 10.38 1.35 -8.35
C VAL A 217 11.80 0.81 -8.50
N THR A 218 12.05 0.05 -9.57
CA THR A 218 13.34 -0.60 -9.75
C THR A 218 14.44 0.41 -10.11
N ARG A 219 14.11 1.40 -10.95
CA ARG A 219 15.06 2.47 -11.29
C ARG A 219 15.47 3.28 -10.06
N ASN A 220 14.61 3.36 -9.04
CA ASN A 220 14.87 4.18 -7.87
C ASN A 220 15.04 3.34 -6.61
N CYS A 221 15.43 2.07 -6.76
CA CYS A 221 15.33 1.11 -5.66
C CYS A 221 16.26 1.47 -4.50
N THR A 222 17.43 2.04 -4.80
CA THR A 222 18.40 2.31 -3.73
C THR A 222 17.90 3.41 -2.79
N GLN A 223 17.35 4.50 -3.36
CA GLN A 223 16.75 5.54 -2.54
C GLN A 223 15.52 5.03 -1.80
N LEU A 224 14.63 4.31 -2.51
CA LEU A 224 13.38 3.87 -1.89
C LEU A 224 13.59 2.82 -0.80
N ALA A 225 14.58 1.93 -0.97
CA ALA A 225 14.82 0.89 0.04
C ALA A 225 15.33 1.47 1.35
N SER A 226 16.02 2.59 1.30
CA SER A 226 16.58 3.22 2.49
C SER A 226 15.60 4.14 3.20
N ASN A 227 14.41 4.34 2.63
CA ASN A 227 13.46 5.33 3.14
C ASN A 227 12.51 4.73 4.16
N GLU A 228 12.14 5.55 5.14
CA GLU A 228 11.28 5.19 6.27
C GLU A 228 9.97 4.55 5.83
N PHE A 229 9.38 5.04 4.74
CA PHE A 229 8.11 4.52 4.26
C PHE A 229 8.22 3.72 2.98
N ALA A 230 9.11 4.10 2.06
CA ALA A 230 9.15 3.44 0.76
C ALA A 230 9.79 2.05 0.81
N ASN A 231 10.46 1.69 1.92
CA ASN A 231 11.10 0.38 2.02
C ASN A 231 10.09 -0.76 1.99
N TYR A 232 8.85 -0.51 2.43
CA TYR A 232 7.79 -1.50 2.34
C TYR A 232 7.46 -1.83 0.89
N VAL A 233 7.51 -0.84 0.01
CA VAL A 233 7.20 -1.05 -1.40
C VAL A 233 8.28 -1.88 -2.08
N VAL A 234 9.55 -1.65 -1.73
CA VAL A 234 10.65 -2.42 -2.30
C VAL A 234 10.59 -3.88 -1.83
N GLN A 235 10.24 -4.10 -0.55
CA GLN A 235 10.05 -5.45 -0.04
C GLN A 235 8.99 -6.20 -0.83
N HIS A 236 7.89 -5.52 -1.15
CA HIS A 236 6.79 -6.15 -1.89
C HIS A 236 7.21 -6.55 -3.29
N VAL A 237 7.99 -5.69 -3.97
CA VAL A 237 8.47 -5.99 -5.32
C VAL A 237 9.40 -7.19 -5.30
N ILE A 238 10.22 -7.33 -4.25
CA ILE A 238 11.16 -8.45 -4.12
C ILE A 238 10.40 -9.77 -3.98
N LYS A 239 9.27 -9.75 -3.28
CA LYS A 239 8.50 -10.96 -3.03
C LYS A 239 7.64 -11.41 -4.21
N CYS A 240 7.55 -10.64 -5.30
CA CYS A 240 6.55 -10.94 -6.32
C CYS A 240 6.93 -12.17 -7.15
N GLY A 241 8.16 -12.21 -7.68
CA GLY A 241 8.61 -13.35 -8.47
C GLY A 241 7.79 -13.64 -9.73
N ASP A 242 7.96 -14.87 -10.20
CA ASP A 242 7.34 -15.40 -11.42
C ASP A 242 7.60 -14.50 -12.61
N ALA A 243 6.56 -13.89 -13.18
CA ALA A 243 6.75 -13.00 -14.31
C ALA A 243 7.41 -11.67 -13.93
N LEU A 244 7.40 -11.32 -12.65
CA LEU A 244 8.03 -10.09 -12.16
C LEU A 244 9.40 -10.34 -11.54
N ALA A 245 9.94 -11.55 -11.71
CA ALA A 245 11.24 -11.90 -11.14
C ALA A 245 12.39 -11.07 -11.71
N VAL A 246 12.23 -10.53 -12.93
CA VAL A 246 13.25 -9.65 -13.50
C VAL A 246 13.44 -8.41 -12.63
N TYR A 247 12.38 -7.90 -11.99
CA TYR A 247 12.50 -6.72 -11.14
C TYR A 247 13.18 -7.06 -9.82
N ARG A 248 12.81 -8.21 -9.21
CA ARG A 248 13.52 -8.69 -8.02
C ARG A 248 14.99 -8.93 -8.31
N ASP A 249 15.31 -9.54 -9.46
CA ASP A 249 16.70 -9.84 -9.81
C ASP A 249 17.51 -8.55 -10.01
N ILE A 250 16.92 -7.54 -10.65
CA ILE A 250 17.65 -6.28 -10.87
C ILE A 250 17.90 -5.58 -9.54
N ILE A 251 16.89 -5.55 -8.66
CA ILE A 251 17.01 -4.89 -7.36
C ILE A 251 18.09 -5.56 -6.51
N ILE A 252 18.16 -6.89 -6.52
CA ILE A 252 19.19 -7.55 -5.74
C ILE A 252 20.55 -7.38 -6.40
N GLU A 253 20.64 -7.61 -7.71
CA GLU A 253 21.96 -7.64 -8.37
C GLU A 253 22.52 -6.26 -8.66
N GLN A 254 21.69 -5.26 -8.89
CA GLN A 254 22.19 -3.94 -9.25
C GLN A 254 22.03 -2.94 -8.11
N CYS A 255 21.65 -3.39 -6.93
CA CYS A 255 21.63 -2.51 -5.77
C CYS A 255 22.08 -3.23 -4.51
N LEU A 256 21.38 -4.32 -4.15
CA LEU A 256 21.62 -4.94 -2.86
C LEU A 256 23.00 -5.61 -2.77
N LEU A 257 23.46 -6.24 -3.86
CA LEU A 257 24.74 -6.93 -3.85
C LEU A 257 25.91 -5.97 -3.60
N GLN A 258 25.79 -4.72 -4.03
CA GLN A 258 26.84 -3.73 -3.85
C GLN A 258 26.74 -3.04 -2.49
N ASN A 259 25.57 -3.10 -1.85
CA ASN A 259 25.22 -2.26 -0.71
C ASN A 259 24.77 -3.07 0.50
N LEU A 260 24.99 -4.38 0.51
CA LEU A 260 24.41 -5.28 1.51
C LEU A 260 24.87 -4.94 2.93
N LEU A 261 26.16 -4.68 3.09
CA LEU A 261 26.72 -4.41 4.41
C LEU A 261 26.21 -3.07 4.95
N SER A 262 26.23 -2.03 4.12
CA SER A 262 25.76 -0.71 4.54
C SER A 262 24.27 -0.72 4.82
N MET A 263 23.46 -1.35 3.95
CA MET A 263 22.02 -1.42 4.14
C MET A 263 21.64 -2.18 5.41
N SER A 264 22.38 -3.25 5.73
CA SER A 264 22.11 -4.04 6.93
C SER A 264 22.35 -3.26 8.22
N GLN A 265 23.07 -2.14 8.16
CA GLN A 265 23.34 -1.30 9.31
C GLN A 265 22.34 -0.15 9.45
N GLU A 266 21.29 -0.13 8.66
CA GLU A 266 20.33 0.96 8.71
C GLU A 266 18.98 0.48 9.21
N LYS A 267 18.22 1.40 9.82
CA LYS A 267 16.96 1.05 10.44
C LYS A 267 15.94 0.51 9.43
N TYR A 268 15.87 1.13 8.25
CA TYR A 268 14.84 0.77 7.29
C TYR A 268 15.33 -0.21 6.23
N ALA A 269 16.51 0.05 5.65
CA ALA A 269 17.04 -0.82 4.60
C ALA A 269 17.37 -2.22 5.09
N SER A 270 17.61 -2.43 6.40
CA SER A 270 17.91 -3.78 6.88
C SER A 270 16.71 -4.71 6.74
N HIS A 271 15.49 -4.16 6.78
CA HIS A 271 14.29 -4.96 6.51
C HIS A 271 14.26 -5.43 5.07
N VAL A 272 14.78 -4.62 4.14
CA VAL A 272 14.84 -5.02 2.74
C VAL A 272 15.85 -6.15 2.56
N VAL A 273 16.99 -6.08 3.25
CA VAL A 273 17.98 -7.15 3.19
C VAL A 273 17.41 -8.45 3.77
N GLU A 274 16.68 -8.34 4.89
CA GLU A 274 16.06 -9.51 5.51
C GLU A 274 15.09 -10.21 4.57
N VAL A 275 14.29 -9.43 3.85
CA VAL A 275 13.29 -9.99 2.95
C VAL A 275 13.96 -10.69 1.77
N ALA A 276 15.06 -10.11 1.26
CA ALA A 276 15.84 -10.73 0.19
C ALA A 276 16.42 -12.09 0.61
N PHE A 277 17.06 -12.16 1.78
CA PHE A 277 17.52 -13.45 2.29
C PHE A 277 16.37 -14.41 2.52
N GLU A 278 15.20 -13.89 2.91
CA GLU A 278 14.07 -14.75 3.21
C GLU A 278 13.43 -15.35 1.95
N CYS A 279 13.38 -14.59 0.86
N CYS A 279 13.36 -14.60 0.85
CA CYS A 279 12.53 -14.95 -0.28
CA CYS A 279 12.55 -15.07 -0.27
C CYS A 279 13.25 -15.17 -1.60
C CYS A 279 13.25 -15.14 -1.63
N ALA A 280 14.49 -14.70 -1.77
CA ALA A 280 15.18 -14.82 -3.06
C ALA A 280 15.54 -16.28 -3.34
N PRO A 281 15.55 -16.70 -4.62
CA PRO A 281 15.97 -18.07 -4.94
C PRO A 281 17.46 -18.24 -4.73
N TYR A 282 17.90 -19.51 -4.83
CA TYR A 282 19.25 -19.93 -4.42
C TYR A 282 20.34 -19.07 -5.07
N ARG A 283 20.23 -18.86 -6.39
CA ARG A 283 21.26 -18.16 -7.15
C ARG A 283 21.54 -16.77 -6.59
N LEU A 284 20.49 -16.07 -6.16
CA LEU A 284 20.67 -14.75 -5.59
C LEU A 284 21.15 -14.81 -4.15
N VAL A 285 20.64 -15.76 -3.36
CA VAL A 285 21.10 -15.97 -1.99
C VAL A 285 22.60 -16.28 -1.97
N ALA A 286 23.05 -17.13 -2.88
CA ALA A 286 24.47 -17.47 -2.96
C ALA A 286 25.32 -16.25 -3.30
N GLU A 287 24.84 -15.38 -4.19
CA GLU A 287 25.59 -14.16 -4.50
C GLU A 287 25.62 -13.20 -3.32
N MET A 288 24.53 -13.15 -2.54
CA MET A 288 24.53 -12.30 -1.34
C MET A 288 25.48 -12.84 -0.27
N MET A 289 25.51 -14.16 -0.09
CA MET A 289 26.45 -14.75 0.86
C MET A 289 27.89 -14.56 0.41
N ASN A 290 28.13 -14.60 -0.91
CA ASN A 290 29.47 -14.37 -1.45
C ASN A 290 29.91 -12.93 -1.25
N GLU A 291 28.98 -11.98 -1.20
CA GLU A 291 29.35 -10.61 -0.86
C GLU A 291 29.68 -10.46 0.62
N ILE A 292 28.92 -11.17 1.48
CA ILE A 292 29.15 -11.13 2.93
C ILE A 292 30.52 -11.67 3.29
N PHE A 293 30.89 -12.80 2.68
CA PHE A 293 32.11 -13.50 3.06
C PHE A 293 33.28 -13.24 2.13
N GLU A 294 33.07 -12.72 0.91
CA GLU A 294 34.20 -12.49 0.01
C GLU A 294 34.17 -11.15 -0.72
N GLY A 295 33.26 -10.24 -0.38
CA GLY A 295 33.17 -8.94 -1.03
C GLY A 295 34.01 -7.88 -0.35
N TYR A 296 33.62 -6.62 -0.56
CA TYR A 296 34.33 -5.48 0.01
C TYR A 296 34.13 -5.45 1.52
N ILE A 297 35.22 -5.56 2.27
CA ILE A 297 35.21 -5.53 3.73
C ILE A 297 35.96 -4.29 4.19
N PRO A 298 35.31 -3.35 4.88
CA PRO A 298 36.05 -2.21 5.43
C PRO A 298 36.90 -2.65 6.61
N HIS A 299 38.07 -2.02 6.72
CA HIS A 299 39.04 -2.31 7.77
C HIS A 299 39.39 -3.80 7.92
N PRO A 300 39.95 -4.43 6.88
CA PRO A 300 40.12 -5.89 6.94
C PRO A 300 41.18 -6.37 7.94
N ASP A 301 41.98 -5.47 8.53
CA ASP A 301 42.84 -5.84 9.64
C ASP A 301 42.09 -5.97 10.95
N THR A 302 40.88 -5.42 11.03
CA THR A 302 39.96 -5.63 12.14
C THR A 302 38.86 -6.63 11.80
N ASN A 303 38.35 -6.59 10.58
CA ASN A 303 37.18 -7.34 10.18
C ASN A 303 37.56 -8.45 9.22
N ARG A 304 37.23 -9.69 9.56
CA ARG A 304 37.49 -10.80 8.65
C ARG A 304 36.53 -10.77 7.46
N ASP A 305 35.26 -10.48 7.71
CA ASP A 305 34.24 -10.35 6.67
C ASP A 305 33.12 -9.50 7.24
N ALA A 306 31.98 -9.43 6.53
CA ALA A 306 30.88 -8.60 6.98
C ALA A 306 30.20 -9.11 8.25
N LEU A 307 30.35 -10.41 8.59
CA LEU A 307 29.79 -10.92 9.85
C LEU A 307 30.41 -10.26 11.06
N ASP A 308 31.70 -9.88 10.98
CA ASP A 308 32.37 -9.21 12.10
C ASP A 308 31.77 -7.85 12.40
N ILE A 309 31.12 -7.21 11.44
CA ILE A 309 30.38 -5.97 11.69
C ILE A 309 28.94 -6.24 12.09
N LEU A 310 28.27 -7.15 11.37
CA LEU A 310 26.83 -7.32 11.52
C LEU A 310 26.44 -8.01 12.81
N LEU A 311 27.29 -8.92 13.33
CA LEU A 311 26.97 -9.68 14.54
C LEU A 311 26.73 -8.79 15.75
N PHE A 312 27.41 -7.65 15.83
CA PHE A 312 27.37 -6.78 16.99
C PHE A 312 26.60 -5.49 16.73
N HIS A 313 25.90 -5.39 15.61
CA HIS A 313 25.22 -4.16 15.23
C HIS A 313 23.75 -4.23 15.62
N GLN A 314 23.19 -3.07 15.98
CA GLN A 314 21.83 -3.00 16.53
C GLN A 314 20.75 -3.34 15.51
N TYR A 315 21.03 -3.20 14.21
CA TYR A 315 20.13 -3.65 13.16
C TYR A 315 20.68 -4.85 12.39
N GLY A 316 22.00 -4.92 12.22
CA GLY A 316 22.64 -5.99 11.48
C GLY A 316 22.50 -7.36 12.12
N ASN A 317 22.29 -7.40 13.44
CA ASN A 317 22.05 -8.69 14.10
C ASN A 317 20.75 -9.34 13.62
N TYR A 318 19.77 -8.54 13.21
CA TYR A 318 18.53 -9.11 12.68
C TYR A 318 18.76 -9.71 11.29
N VAL A 319 19.66 -9.12 10.50
CA VAL A 319 20.04 -9.70 9.21
C VAL A 319 20.73 -11.05 9.42
N VAL A 320 21.62 -11.13 10.42
CA VAL A 320 22.31 -12.38 10.75
C VAL A 320 21.30 -13.45 11.18
N GLN A 321 20.30 -13.07 11.99
CA GLN A 321 19.26 -14.01 12.42
C GLN A 321 18.47 -14.53 11.23
N GLN A 322 18.17 -13.67 10.26
CA GLN A 322 17.50 -14.13 9.05
C GLN A 322 18.41 -15.03 8.22
N MET A 323 19.71 -14.73 8.17
CA MET A 323 20.67 -15.58 7.45
C MET A 323 20.72 -16.98 8.04
N ILE A 324 20.66 -17.08 9.37
CA ILE A 324 20.60 -18.37 10.05
C ILE A 324 19.34 -19.13 9.66
N GLN A 325 18.19 -18.45 9.68
CA GLN A 325 16.92 -19.10 9.36
C GLN A 325 16.86 -19.55 7.90
N THR A 326 17.40 -18.74 6.98
CA THR A 326 17.48 -19.12 5.58
C THR A 326 18.35 -20.36 5.39
N CYS A 327 19.51 -20.43 6.06
CA CYS A 327 20.39 -21.58 5.94
C CYS A 327 19.80 -22.83 6.58
N VAL A 328 19.14 -22.68 7.74
CA VAL A 328 18.50 -23.81 8.41
C VAL A 328 17.42 -24.43 7.53
N LEU A 329 16.57 -23.61 6.93
CA LEU A 329 15.57 -24.14 6.01
C LEU A 329 16.21 -24.61 4.72
N GLY A 330 17.28 -23.95 4.29
CA GLY A 330 17.95 -24.29 3.04
C GLY A 330 18.67 -25.62 3.06
N GLN A 331 19.02 -26.14 4.25
CA GLN A 331 19.61 -27.47 4.34
C GLN A 331 18.65 -28.58 3.93
N ASN A 332 17.35 -28.31 3.86
CA ASN A 332 16.36 -29.26 3.36
C ASN A 332 16.22 -29.25 1.86
N ALA A 333 17.05 -28.51 1.13
CA ALA A 333 16.93 -28.43 -0.32
C ALA A 333 17.22 -29.79 -0.94
N ARG A 334 16.44 -30.15 -1.96
CA ARG A 334 16.62 -31.45 -2.60
C ARG A 334 17.96 -31.52 -3.33
N ASP A 335 18.43 -30.40 -3.89
CA ASP A 335 19.74 -30.34 -4.51
C ASP A 335 20.78 -30.33 -3.41
N GLN A 336 21.57 -31.41 -3.34
CA GLN A 336 22.61 -31.53 -2.33
C GLN A 336 23.72 -30.51 -2.54
N LYS A 337 23.91 -30.01 -3.76
CA LYS A 337 24.86 -28.92 -3.98
C LYS A 337 24.43 -27.64 -3.28
N GLN A 338 23.12 -27.38 -3.25
CA GLN A 338 22.61 -26.22 -2.53
C GLN A 338 22.67 -26.42 -1.02
N SER A 339 22.20 -27.58 -0.53
CA SER A 339 22.16 -27.82 0.91
C SER A 339 23.56 -27.89 1.51
N GLU A 340 24.55 -28.35 0.74
CA GLU A 340 25.94 -28.29 1.20
C GLU A 340 26.38 -26.85 1.46
N MET A 341 26.03 -25.93 0.57
CA MET A 341 26.40 -24.53 0.75
C MET A 341 25.67 -23.89 1.93
N TYR A 342 24.35 -24.14 2.03
CA TYR A 342 23.57 -23.64 3.17
C TYR A 342 24.12 -24.15 4.50
N GLY A 343 24.58 -25.40 4.53
CA GLY A 343 25.20 -25.93 5.74
C GLY A 343 26.55 -25.31 6.04
N MET A 344 27.31 -24.98 4.99
CA MET A 344 28.63 -24.39 5.21
C MET A 344 28.53 -22.93 5.65
N TRP A 345 27.57 -22.18 5.09
CA TRP A 345 27.34 -20.82 5.56
C TRP A 345 26.87 -20.81 7.01
N LEU A 346 26.02 -21.77 7.38
CA LEU A 346 25.53 -21.88 8.75
C LEU A 346 26.66 -22.24 9.72
N GLU A 347 27.57 -23.12 9.31
CA GLU A 347 28.69 -23.50 10.17
C GLU A 347 29.66 -22.35 10.35
N LYS A 348 29.83 -21.51 9.32
CA LYS A 348 30.66 -20.33 9.41
C LYS A 348 30.08 -19.31 10.39
N ILE A 349 28.75 -19.11 10.35
CA ILE A 349 28.09 -18.23 11.31
C ILE A 349 28.22 -18.80 12.72
N HIS A 350 27.99 -20.11 12.85
CA HIS A 350 28.03 -20.77 14.16
C HIS A 350 29.43 -20.71 14.78
N GLY A 351 30.46 -20.89 13.96
CA GLY A 351 31.82 -20.77 14.45
C GLY A 351 32.16 -19.37 14.89
N ARG A 352 31.66 -18.36 14.17
CA ARG A 352 31.90 -16.97 14.53
C ARG A 352 31.14 -16.58 15.80
N VAL A 353 29.96 -17.14 16.02
CA VAL A 353 29.22 -16.86 17.25
C VAL A 353 29.91 -17.50 18.45
N MET A 354 30.41 -18.73 18.29
CA MET A 354 31.13 -19.42 19.36
C MET A 354 32.39 -18.67 19.78
N ARG A 355 33.15 -18.17 18.80
CA ARG A 355 34.35 -17.38 19.05
C ARG A 355 34.07 -16.08 19.79
N ASN A 356 32.85 -15.53 19.69
CA ASN A 356 32.51 -14.24 20.29
C ASN A 356 31.36 -14.35 21.27
N ALA A 357 31.21 -15.52 21.91
CA ALA A 357 29.99 -15.80 22.68
C ALA A 357 29.89 -14.96 23.95
N HIS A 358 31.02 -14.70 24.61
CA HIS A 358 30.99 -13.97 25.88
C HIS A 358 30.61 -12.51 25.66
N ARG A 359 31.07 -11.92 24.56
CA ARG A 359 30.63 -10.57 24.21
C ARG A 359 29.16 -10.56 23.78
N LEU A 360 28.74 -11.61 23.05
CA LEU A 360 27.37 -11.66 22.55
C LEU A 360 26.35 -11.89 23.67
N GLU A 361 26.75 -12.61 24.73
CA GLU A 361 25.84 -12.96 25.82
C GLU A 361 25.38 -11.76 26.64
N ARG A 362 26.10 -10.64 26.55
CA ARG A 362 25.74 -9.43 27.27
C ARG A 362 24.62 -8.64 26.59
N PHE A 363 24.15 -9.08 25.42
CA PHE A 363 23.16 -8.33 24.65
C PHE A 363 21.99 -9.23 24.31
N SER A 364 20.81 -8.61 24.23
CA SER A 364 19.60 -9.36 23.86
C SER A 364 19.68 -9.92 22.45
N SER A 365 20.39 -9.22 21.55
CA SER A 365 20.61 -9.72 20.20
C SER A 365 21.45 -10.99 20.21
N GLY A 366 22.59 -10.95 20.92
CA GLY A 366 23.46 -12.11 20.98
C GLY A 366 22.84 -13.32 21.65
N LYS A 367 22.00 -13.10 22.67
CA LYS A 367 21.27 -14.20 23.29
C LYS A 367 20.30 -14.85 22.31
N LYS A 368 19.63 -14.04 21.47
CA LYS A 368 18.69 -14.60 20.49
C LYS A 368 19.44 -15.40 19.42
N ILE A 369 20.63 -14.93 19.03
CA ILE A 369 21.43 -15.66 18.05
C ILE A 369 21.96 -16.96 18.64
N ILE A 370 22.40 -16.93 19.89
CA ILE A 370 22.91 -18.14 20.55
C ILE A 370 21.80 -19.16 20.75
N GLU A 371 20.61 -18.71 21.17
CA GLU A 371 19.47 -19.61 21.37
C GLU A 371 18.99 -20.23 20.06
N ALA A 372 19.04 -19.48 18.96
CA ALA A 372 18.65 -20.03 17.66
C ALA A 372 19.62 -21.10 17.20
N LEU A 373 20.91 -20.90 17.44
CA LEU A 373 21.92 -21.89 17.05
C LEU A 373 21.90 -23.11 17.96
N GLN A 374 21.69 -22.91 19.26
CA GLN A 374 21.60 -24.01 20.21
C GLN A 374 20.33 -24.84 20.04
N SER A 375 19.34 -24.32 19.32
CA SER A 375 18.15 -25.11 19.02
C SER A 375 18.42 -26.23 18.03
N MET A 376 19.53 -26.15 17.28
CA MET A 376 19.89 -27.21 16.35
C MET A 376 20.78 -28.26 17.02
C1 GOL C . 33.01 -18.36 1.99
O1 GOL C . 32.80 -18.15 0.61
C2 GOL C . 33.12 -19.85 2.23
O2 GOL C . 33.83 -20.09 3.43
C3 GOL C . 31.74 -20.48 2.24
O3 GOL C . 31.88 -21.77 2.79
C1 GOL D . -5.21 -16.04 -18.69
O1 GOL D . -5.41 -16.21 -20.09
C2 GOL D . -6.09 -14.94 -18.15
O2 GOL D . -6.34 -14.01 -19.19
C3 GOL D . -5.40 -14.22 -17.00
O3 GOL D . -5.01 -15.13 -16.00
C1 GOL E . 11.75 -17.84 -10.21
O1 GOL E . 12.37 -16.63 -10.60
C2 GOL E . 10.92 -17.67 -8.96
O2 GOL E . 10.18 -16.48 -9.00
C3 GOL E . 9.96 -18.83 -8.83
O3 GOL E . 8.77 -18.29 -8.29
C1 GOL F . 14.40 -21.42 -8.20
O1 GOL F . 13.05 -21.32 -8.56
C2 GOL F . 14.69 -22.75 -7.55
O2 GOL F . 14.13 -22.77 -6.25
C3 GOL F . 16.20 -22.93 -7.48
O3 GOL F . 16.46 -24.19 -6.92
C1 GOL G . -9.43 -3.90 -9.12
O1 GOL G . -9.04 -3.69 -10.47
C2 GOL G . -10.16 -5.22 -8.94
O2 GOL G . -10.45 -5.35 -7.56
C3 GOL G . -11.44 -5.24 -9.74
O3 GOL G . -12.23 -6.30 -9.23
C1 GOL H . 28.07 -21.65 -5.47
O1 GOL H . 26.70 -21.36 -5.43
C2 GOL H . 28.91 -20.67 -4.65
O2 GOL H . 29.13 -19.49 -5.38
C3 GOL H . 28.27 -20.28 -3.33
O3 GOL H . 29.30 -19.68 -2.56
C1 GOL I . 21.15 6.96 4.21
O1 GOL I . 20.49 5.77 3.86
C2 GOL I . 22.51 6.98 3.54
O2 GOL I . 23.46 6.38 4.40
C3 GOL I . 22.45 6.24 2.22
O3 GOL I . 22.91 7.15 1.24
C1 GOL J . 6.11 -6.99 3.53
O1 GOL J . 7.43 -7.42 3.39
C2 GOL J . 5.80 -6.04 2.41
O2 GOL J . 4.88 -6.65 1.51
C3 GOL J . 5.26 -4.75 3.02
O3 GOL J . 3.94 -5.00 3.44
C1 GOL K . 9.24 -16.26 -5.39
O1 GOL K . 10.53 -16.35 -5.94
C2 GOL K . 9.09 -14.94 -4.66
O2 GOL K . 9.38 -15.11 -3.30
C3 GOL K . 10.02 -13.87 -5.20
O3 GOL K . 11.22 -14.00 -4.50
C1 GOL L . -8.36 1.81 2.61
O1 GOL L . -8.45 3.21 2.47
C2 GOL L . -7.55 1.45 3.84
O2 GOL L . -7.58 0.04 3.98
C3 GOL L . -8.11 2.10 5.09
O3 GOL L . -7.13 2.10 6.10
#